data_5AC3
#
_entry.id   5AC3
#
_cell.length_a   82.870
_cell.length_b   82.870
_cell.length_c   112.891
_cell.angle_alpha   90.00
_cell.angle_beta   90.00
_cell.angle_gamma   120.00
#
_symmetry.space_group_name_H-M   'P 31 2 1'
#
loop_
_entity.id
_entity.type
_entity.pdbx_description
1 polymer 'PEPTIDE AMIDASE'
2 non-polymer 'CADMIUM ION'
3 non-polymer 'ACETIC ACID'
4 water water
#
_entity_poly.entity_id   1
_entity_poly.type   'polypeptide(L)'
_entity_poly.pdbx_seq_one_letter_code
;AAEPASRNVPFPYAETDVADLQARMTAGELDSTTLTQAYLQRIAALDRTGPRLHAVIELNPDALKEAAERDRERRDGRLR
GPLHGIPLLLKDNINAAPMATSAGSLALQDFRPDDAYLVRRLRDAGAVVLGKTNLSEWMNFRSNNSISGWSARGGQTRNP
YRPSHSPCGSSSGSAVAVAANLASVAIGTETDGSIVCPAAINGVVGLKPTVGLVSRDGIIPISFSQDTPGPMARSVADAA
AVLTAIAGRDPADPATATMPGRAVYDYTARLDPQGLRGKRIGLLQVPLLKYRGMPPLIEQAATELRRAGAVVVPVELPNY
GAWAEAERTLLLYEFKAGLERYFNTHRAPLRSLADLIAFNQAHSKQELALFGQELLVEADATAGLADPAYIRARSDARRL
AGPEGIDAALAAHQLDALVAPTTGVAWPIRPEGDDFPGESYSAAAVAGYPSLTVPMGQIDGLPVGLLFMGTAWSEPKLIE
MAYAYEQRTRARRPPHFDTDALIDAGEPHHHHHH
;
_entity_poly.pdbx_strand_id   A
#
loop_
_chem_comp.id
_chem_comp.type
_chem_comp.name
_chem_comp.formula
ACY non-polymer 'ACETIC ACID' 'C2 H4 O2'
CD non-polymer 'CADMIUM ION' 'Cd 2'
#
# COMPACT_ATOMS: atom_id res chain seq x y z
N PRO A 10 27.73 -0.92 7.16
CA PRO A 10 26.96 -1.57 6.11
C PRO A 10 25.88 -2.49 6.68
N PHE A 11 24.61 -2.28 6.33
CA PHE A 11 23.57 -3.20 6.81
C PHE A 11 23.61 -4.46 5.96
N PRO A 12 23.95 -5.61 6.56
CA PRO A 12 24.19 -6.84 5.80
C PRO A 12 23.03 -7.37 4.99
N TYR A 13 21.80 -7.02 5.37
CA TYR A 13 20.63 -7.52 4.68
C TYR A 13 19.96 -6.44 3.83
N ALA A 14 20.69 -5.36 3.55
CA ALA A 14 20.15 -4.30 2.70
C ALA A 14 19.85 -4.90 1.34
N GLU A 15 18.68 -4.57 0.79
CA GLU A 15 18.32 -4.93 -0.58
C GLU A 15 18.30 -6.45 -0.82
N THR A 16 18.02 -7.25 0.21
CA THR A 16 18.05 -8.69 0.04
C THR A 16 16.59 -9.14 -0.06
N ASP A 17 16.30 -9.91 -1.12
CA ASP A 17 14.98 -10.44 -1.40
C ASP A 17 14.56 -11.52 -0.45
N VAL A 18 13.26 -11.78 -0.43
CA VAL A 18 12.70 -12.82 0.40
C VAL A 18 13.31 -14.17 0.04
N ALA A 19 13.41 -14.48 -1.26
CA ALA A 19 14.00 -15.74 -1.70
C ALA A 19 15.44 -15.92 -1.19
N ASP A 20 16.19 -14.83 -1.20
CA ASP A 20 17.59 -14.88 -0.77
C ASP A 20 17.72 -15.00 0.75
N LEU A 21 16.88 -14.29 1.48
CA LEU A 21 16.83 -14.44 2.94
C LEU A 21 16.48 -15.89 3.31
N GLN A 22 15.49 -16.43 2.59
CA GLN A 22 15.08 -17.81 2.79
C GLN A 22 16.22 -18.78 2.46
N ALA A 23 16.98 -18.51 1.39
CA ALA A 23 18.13 -19.34 1.04
C ALA A 23 19.21 -19.31 2.14
N ARG A 24 19.51 -18.11 2.64
CA ARG A 24 20.49 -17.97 3.72
C ARG A 24 20.09 -18.70 4.99
N MET A 25 18.81 -18.63 5.32
CA MET A 25 18.26 -19.37 6.45
C MET A 25 18.30 -20.88 6.21
N THR A 26 17.92 -21.31 5.01
CA THR A 26 17.92 -22.75 4.68
C THR A 26 19.34 -23.33 4.78
N ALA A 27 20.35 -22.54 4.44
CA ALA A 27 21.75 -22.95 4.54
C ALA A 27 22.31 -22.86 5.97
N GLY A 28 21.65 -22.16 6.87
CA GLY A 28 22.11 -22.03 8.27
C GLY A 28 22.98 -20.81 8.58
N GLU A 29 23.20 -19.95 7.60
CA GLU A 29 24.04 -18.76 7.76
C GLU A 29 23.27 -17.65 8.49
N LEU A 30 21.95 -17.79 8.54
CA LEU A 30 21.06 -16.81 9.14
C LEU A 30 19.88 -17.59 9.75
N ASP A 31 19.17 -16.96 10.67
CA ASP A 31 17.90 -17.51 11.12
C ASP A 31 16.92 -16.35 11.42
N SER A 32 15.69 -16.67 11.76
CA SER A 32 14.69 -15.61 11.96
C SER A 32 15.04 -14.72 13.13
N THR A 33 15.52 -15.32 14.21
CA THR A 33 15.83 -14.57 15.43
C THR A 33 16.96 -13.56 15.20
N THR A 34 18.01 -14.01 14.51
CA THR A 34 19.11 -13.12 14.16
C THR A 34 18.66 -12.03 13.17
N LEU A 35 17.86 -12.40 12.17
CA LEU A 35 17.36 -11.43 11.19
C LEU A 35 16.46 -10.40 11.88
N THR A 36 15.60 -10.86 12.76
CA THR A 36 14.68 -9.98 13.48
C THR A 36 15.47 -9.00 14.35
N GLN A 37 16.50 -9.50 15.03
CA GLN A 37 17.37 -8.66 15.83
C GLN A 37 18.02 -7.59 14.97
N ALA A 38 18.39 -7.95 13.72
CA ALA A 38 19.07 -7.00 12.85
C ALA A 38 18.13 -5.84 12.50
N TYR A 39 16.90 -6.16 12.13
CA TYR A 39 15.90 -5.13 11.82
C TYR A 39 15.55 -4.27 13.05
N LEU A 40 15.38 -4.91 14.21
CA LEU A 40 15.11 -4.18 15.43
C LEU A 40 16.19 -3.17 15.77
N GLN A 41 17.45 -3.56 15.65
CA GLN A 41 18.54 -2.65 15.91
C GLN A 41 18.62 -1.53 14.87
N ARG A 42 18.30 -1.83 13.62
CA ARG A 42 18.29 -0.79 12.60
C ARG A 42 17.14 0.20 12.82
N ILE A 43 15.99 -0.30 13.24
CA ILE A 43 14.86 0.55 13.63
C ILE A 43 15.29 1.49 14.76
N ALA A 44 16.01 0.95 15.74
CA ALA A 44 16.47 1.77 16.86
C ALA A 44 17.41 2.88 16.40
N ALA A 45 18.22 2.57 15.39
CA ALA A 45 19.20 3.51 14.88
C ALA A 45 18.62 4.60 13.95
N LEU A 46 17.49 4.33 13.30
CA LEU A 46 16.99 5.26 12.27
C LEU A 46 15.59 5.85 12.50
N ASP A 47 14.78 5.25 13.38
CA ASP A 47 13.36 5.58 13.40
C ASP A 47 13.00 6.75 14.30
N ARG A 48 13.61 6.83 15.49
CA ARG A 48 13.35 7.94 16.41
C ARG A 48 14.62 8.71 16.75
N THR A 49 15.71 8.40 16.04
CA THR A 49 16.93 9.16 16.12
C THR A 49 17.58 9.13 14.74
N GLY A 50 18.73 9.78 14.60
CA GLY A 50 19.34 9.93 13.27
C GLY A 50 18.39 10.66 12.35
N PRO A 51 17.98 10.03 11.23
CA PRO A 51 17.02 10.70 10.34
C PRO A 51 15.58 10.76 10.88
N ARG A 52 15.28 10.03 11.95
CA ARG A 52 13.98 10.11 12.63
C ARG A 52 12.82 9.80 11.68
N LEU A 53 12.89 8.64 11.02
CA LEU A 53 11.94 8.28 10.00
C LEU A 53 10.52 8.12 10.53
N HIS A 54 10.38 7.74 11.80
CA HIS A 54 9.06 7.56 12.41
C HIS A 54 8.18 6.61 11.58
N ALA A 55 8.78 5.59 11.01
CA ALA A 55 8.04 4.61 10.21
C ALA A 55 7.24 3.65 11.10
N VAL A 56 7.79 3.33 12.27
CA VAL A 56 7.20 2.30 13.14
C VAL A 56 6.48 2.93 14.32
N ILE A 57 5.16 2.74 14.36
CA ILE A 57 4.33 3.33 15.41
C ILE A 57 4.27 2.45 16.68
N GLU A 58 4.41 1.14 16.53
CA GLU A 58 4.49 0.23 17.67
C GLU A 58 5.22 -1.05 17.31
N LEU A 59 6.20 -1.43 18.12
CA LEU A 59 6.87 -2.71 17.93
C LEU A 59 6.03 -3.81 18.52
N ASN A 60 6.10 -5.00 17.92
CA ASN A 60 5.42 -6.16 18.44
C ASN A 60 6.22 -6.72 19.61
N PRO A 61 5.62 -6.72 20.81
CA PRO A 61 6.35 -7.30 21.95
C PRO A 61 6.66 -8.79 21.78
N ASP A 62 5.94 -9.47 20.88
CA ASP A 62 6.16 -10.91 20.63
C ASP A 62 7.05 -11.20 19.42
N ALA A 63 7.64 -10.17 18.80
CA ALA A 63 8.40 -10.38 17.56
C ALA A 63 9.49 -11.44 17.75
N LEU A 64 10.28 -11.29 18.81
CA LEU A 64 11.39 -12.22 19.02
C LEU A 64 10.89 -13.60 19.48
N LYS A 65 9.81 -13.64 20.25
CA LYS A 65 9.17 -14.92 20.61
C LYS A 65 8.75 -15.70 19.35
N GLU A 66 8.11 -15.00 18.41
CA GLU A 66 7.69 -15.60 17.17
C GLU A 66 8.88 -16.05 16.33
N ALA A 67 9.90 -15.20 16.21
CA ALA A 67 11.10 -15.54 15.46
C ALA A 67 11.70 -16.84 15.99
N ALA A 68 11.80 -16.93 17.32
CA ALA A 68 12.33 -18.15 17.97
C ALA A 68 11.49 -19.41 17.68
N GLU A 69 10.17 -19.27 17.68
CA GLU A 69 9.29 -20.37 17.32
C GLU A 69 9.57 -20.83 15.89
N ARG A 70 9.69 -19.88 14.97
CA ARG A 70 9.93 -20.23 13.56
C ARG A 70 11.29 -20.93 13.40
N ASP A 71 12.28 -20.53 14.18
CA ASP A 71 13.59 -21.15 14.09
C ASP A 71 13.61 -22.55 14.68
N ARG A 72 12.84 -22.75 15.74
CA ARG A 72 12.73 -24.06 16.34
C ARG A 72 12.07 -25.03 15.35
N GLU A 73 11.03 -24.55 14.66
CA GLU A 73 10.36 -25.34 13.62
C GLU A 73 11.32 -25.70 12.50
N ARG A 74 12.09 -24.71 12.06
CA ARG A 74 13.07 -24.94 11.02
C ARG A 74 14.08 -26.01 11.44
N ARG A 75 14.59 -25.93 12.67
CA ARG A 75 15.55 -26.93 13.16
C ARG A 75 14.98 -28.36 13.14
N ASP A 76 13.68 -28.50 13.34
CA ASP A 76 13.00 -29.79 13.16
C ASP A 76 12.62 -30.14 11.71
N GLY A 77 13.04 -29.33 10.74
CA GLY A 77 12.79 -29.61 9.32
C GLY A 77 11.35 -29.39 8.89
N ARG A 78 10.63 -28.51 9.59
CA ARG A 78 9.19 -28.30 9.39
C ARG A 78 8.92 -26.86 8.99
N LEU A 79 8.99 -26.58 7.70
CA LEU A 79 8.84 -25.23 7.19
C LEU A 79 7.40 -24.98 6.77
N ARG A 80 7.03 -23.71 6.74
CA ARG A 80 5.66 -23.30 6.45
C ARG A 80 5.54 -22.78 5.02
N GLY A 81 6.67 -22.65 4.32
CA GLY A 81 6.71 -22.07 2.99
C GLY A 81 7.70 -20.92 2.86
N PRO A 82 7.60 -20.17 1.77
CA PRO A 82 8.54 -19.11 1.40
C PRO A 82 8.67 -17.96 2.40
N LEU A 83 7.66 -17.72 3.22
CA LEU A 83 7.70 -16.64 4.21
C LEU A 83 8.17 -17.09 5.60
N HIS A 84 8.63 -18.32 5.72
CA HIS A 84 8.94 -18.86 7.03
C HIS A 84 10.07 -18.07 7.67
N GLY A 85 9.77 -17.43 8.80
CA GLY A 85 10.76 -16.65 9.57
C GLY A 85 11.01 -15.24 9.04
N ILE A 86 10.24 -14.81 8.06
CA ILE A 86 10.44 -13.50 7.41
C ILE A 86 9.77 -12.38 8.21
N PRO A 87 10.56 -11.38 8.70
CA PRO A 87 9.94 -10.29 9.46
C PRO A 87 9.31 -9.25 8.57
N LEU A 88 8.08 -8.86 8.91
CA LEU A 88 7.35 -7.87 8.13
C LEU A 88 6.61 -6.89 9.03
N LEU A 89 6.20 -5.77 8.45
CA LEU A 89 5.48 -4.73 9.19
C LEU A 89 4.06 -4.57 8.63
N LEU A 90 3.13 -4.14 9.50
CA LEU A 90 1.74 -3.98 9.13
C LEU A 90 1.30 -2.54 9.36
N LYS A 91 0.66 -1.94 8.36
CA LYS A 91 0.04 -0.64 8.54
C LYS A 91 -0.88 -0.68 9.74
N ASP A 92 -0.90 0.39 10.52
CA ASP A 92 -1.64 0.39 11.79
C ASP A 92 -3.13 0.68 11.67
N ASN A 93 -3.73 0.38 10.52
CA ASN A 93 -5.17 0.14 10.45
C ASN A 93 -5.52 -1.33 10.38
N ILE A 94 -4.51 -2.20 10.44
CA ILE A 94 -4.70 -3.63 10.30
C ILE A 94 -4.57 -4.31 11.66
N ASN A 95 -5.65 -4.98 12.11
CA ASN A 95 -5.67 -5.61 13.44
C ASN A 95 -4.58 -6.68 13.57
N ALA A 96 -3.82 -6.62 14.66
CA ALA A 96 -2.79 -7.64 14.94
C ALA A 96 -2.46 -7.67 16.44
N ALA A 97 -2.95 -8.69 17.13
CA ALA A 97 -2.66 -8.84 18.56
C ALA A 97 -1.18 -9.20 18.76
N PRO A 98 -0.54 -8.77 19.85
CA PRO A 98 -1.13 -7.99 20.94
C PRO A 98 -0.91 -6.49 20.80
N MET A 99 -0.65 -6.01 19.60
CA MET A 99 -0.44 -4.59 19.36
C MET A 99 -1.78 -3.86 19.31
N ALA A 100 -1.74 -2.54 19.46
CA ALA A 100 -2.92 -1.73 19.21
C ALA A 100 -3.11 -1.59 17.71
N THR A 101 -4.32 -1.20 17.34
CA THR A 101 -4.63 -0.85 15.97
C THR A 101 -5.31 0.51 16.06
N SER A 102 -4.55 1.57 15.84
CA SER A 102 -4.96 2.90 16.26
C SER A 102 -5.38 3.84 15.13
N ALA A 103 -5.05 3.47 13.87
CA ALA A 103 -5.21 4.36 12.72
C ALA A 103 -4.45 5.68 12.90
N GLY A 104 -3.47 5.67 13.81
CA GLY A 104 -2.68 6.86 14.13
C GLY A 104 -3.28 7.75 15.24
N SER A 105 -4.45 7.36 15.75
CA SER A 105 -5.21 8.19 16.66
C SER A 105 -4.94 7.86 18.12
N LEU A 106 -4.82 8.89 18.95
CA LEU A 106 -4.73 8.69 20.41
C LEU A 106 -6.00 8.01 20.99
N ALA A 107 -7.13 8.15 20.31
CA ALA A 107 -8.35 7.53 20.82
C ALA A 107 -8.26 6.01 20.87
N LEU A 108 -7.42 5.42 20.02
CA LEU A 108 -7.31 3.98 19.94
C LEU A 108 -5.95 3.43 20.35
N GLN A 109 -5.20 4.21 21.14
CA GLN A 109 -3.86 3.80 21.56
C GLN A 109 -3.84 2.56 22.45
N ASP A 110 -4.96 2.26 23.10
CA ASP A 110 -5.09 1.07 23.95
C ASP A 110 -6.08 0.04 23.40
N PHE A 111 -6.43 0.15 22.12
CA PHE A 111 -7.39 -0.75 21.46
C PHE A 111 -6.58 -1.82 20.73
N ARG A 112 -6.73 -3.08 21.14
CA ARG A 112 -5.87 -4.16 20.73
C ARG A 112 -6.70 -5.35 20.24
N PRO A 113 -7.35 -5.18 19.09
CA PRO A 113 -8.22 -6.26 18.59
C PRO A 113 -7.46 -7.49 18.07
N ASP A 114 -8.19 -8.59 17.91
CA ASP A 114 -7.64 -9.85 17.43
C ASP A 114 -7.17 -9.69 15.97
N ASP A 115 -6.24 -10.56 15.56
CA ASP A 115 -5.66 -10.55 14.21
C ASP A 115 -6.69 -10.42 13.07
N ALA A 116 -6.41 -9.55 12.12
CA ALA A 116 -7.13 -9.53 10.83
C ALA A 116 -6.93 -10.83 10.07
N TYR A 117 -7.88 -11.16 9.20
CA TYR A 117 -7.79 -12.36 8.41
C TYR A 117 -6.42 -12.50 7.74
N LEU A 118 -5.97 -11.44 7.06
CA LEU A 118 -4.71 -11.54 6.32
C LEU A 118 -3.51 -11.75 7.24
N VAL A 119 -3.62 -11.26 8.48
CA VAL A 119 -2.57 -11.46 9.49
C VAL A 119 -2.52 -12.93 9.96
N ARG A 120 -3.70 -13.51 10.17
CA ARG A 120 -3.76 -14.92 10.49
C ARG A 120 -3.07 -15.74 9.39
N ARG A 121 -3.38 -15.38 8.14
CA ARG A 121 -2.75 -16.04 6.99
C ARG A 121 -1.24 -15.86 7.00
N LEU A 122 -0.78 -14.64 7.22
CA LEU A 122 0.67 -14.40 7.23
C LEU A 122 1.36 -15.18 8.34
N ARG A 123 0.74 -15.24 9.51
CA ARG A 123 1.35 -15.94 10.65
C ARG A 123 1.38 -17.45 10.40
N ASP A 124 0.32 -17.99 9.80
CA ASP A 124 0.32 -19.41 9.45
C ASP A 124 1.37 -19.72 8.36
N ALA A 125 1.58 -18.77 7.46
CA ALA A 125 2.64 -18.86 6.44
C ALA A 125 4.03 -18.75 7.03
N GLY A 126 4.14 -18.41 8.31
CA GLY A 126 5.45 -18.36 8.97
C GLY A 126 6.11 -17.00 9.09
N ALA A 127 5.44 -15.94 8.63
CA ALA A 127 5.99 -14.59 8.74
C ALA A 127 6.01 -14.17 10.22
N VAL A 128 6.97 -13.31 10.54
CA VAL A 128 7.10 -12.75 11.88
C VAL A 128 6.61 -11.31 11.81
N VAL A 129 5.64 -10.97 12.64
CA VAL A 129 5.20 -9.58 12.69
C VAL A 129 6.14 -8.77 13.54
N LEU A 130 6.91 -7.88 12.91
CA LEU A 130 7.84 -7.00 13.62
C LEU A 130 7.14 -5.91 14.42
N GLY A 131 5.99 -5.46 13.90
CA GLY A 131 5.27 -4.33 14.51
C GLY A 131 4.30 -3.67 13.53
N LYS A 132 3.84 -2.49 13.92
CA LYS A 132 2.89 -1.69 13.14
C LYS A 132 3.57 -0.45 12.59
N THR A 133 3.14 0.00 11.42
CA THR A 133 3.69 1.20 10.85
C THR A 133 2.75 2.38 10.91
N ASN A 134 3.34 3.56 11.03
CA ASN A 134 2.59 4.79 11.08
C ASN A 134 1.85 5.04 9.77
N LEU A 135 0.78 5.83 9.85
CA LEU A 135 0.02 6.20 8.66
C LEU A 135 -0.51 7.62 8.83
N SER A 136 -0.82 8.28 7.73
CA SER A 136 -1.59 9.52 7.81
C SER A 136 -2.83 9.21 8.63
N GLU A 137 -3.08 9.98 9.68
CA GLU A 137 -4.17 9.69 10.60
C GLU A 137 -5.51 9.45 9.89
N TRP A 138 -6.22 8.40 10.30
CA TRP A 138 -7.50 8.02 9.68
C TRP A 138 -7.40 7.83 8.17
N MET A 139 -6.28 7.23 7.73
CA MET A 139 -6.06 6.86 6.33
C MET A 139 -6.18 8.08 5.41
N ASN A 140 -5.81 9.23 5.96
CA ASN A 140 -5.91 10.52 5.28
C ASN A 140 -7.32 10.95 4.89
N PHE A 141 -8.30 10.51 5.68
CA PHE A 141 -9.67 10.94 5.47
C PHE A 141 -10.20 11.80 6.62
N ARG A 142 -9.29 12.57 7.23
CA ARG A 142 -9.64 13.48 8.33
C ARG A 142 -9.82 14.92 7.90
N SER A 143 -8.98 15.38 6.98
CA SER A 143 -8.99 16.78 6.54
C SER A 143 -8.42 16.91 5.12
N ASN A 144 -8.95 17.85 4.33
CA ASN A 144 -8.32 18.21 3.06
C ASN A 144 -7.06 19.03 3.27
N ASN A 145 -6.77 19.44 4.50
CA ASN A 145 -5.54 20.21 4.79
C ASN A 145 -4.49 19.37 5.49
N SER A 146 -4.63 18.06 5.41
CA SER A 146 -3.78 17.15 6.16
C SER A 146 -2.36 17.12 5.63
N ILE A 147 -1.46 16.67 6.49
CA ILE A 147 -0.07 16.48 6.12
C ILE A 147 0.17 14.98 6.00
N SER A 148 0.52 14.51 4.82
CA SER A 148 0.73 13.08 4.62
C SER A 148 1.79 12.55 5.56
N GLY A 149 1.53 11.36 6.10
CA GLY A 149 2.45 10.69 7.02
C GLY A 149 2.44 11.17 8.45
N TRP A 150 1.55 12.12 8.78
CA TRP A 150 1.44 12.57 10.17
C TRP A 150 0.29 11.88 10.89
N SER A 151 0.54 11.48 12.13
CA SER A 151 -0.54 11.10 13.05
C SER A 151 -0.17 11.58 14.46
N ALA A 152 -1.19 11.74 15.29
CA ALA A 152 -0.96 12.15 16.67
C ALA A 152 -0.17 11.12 17.47
N ARG A 153 -0.47 9.85 17.27
CA ARG A 153 0.19 8.79 18.01
C ARG A 153 1.55 8.42 17.45
N GLY A 154 1.73 8.53 16.14
CA GLY A 154 2.99 8.15 15.49
C GLY A 154 3.92 9.28 15.10
N GLY A 155 3.49 10.54 15.23
CA GLY A 155 4.30 11.67 14.77
C GLY A 155 4.42 11.72 13.24
N GLN A 156 5.52 12.30 12.75
CA GLN A 156 5.65 12.59 11.33
C GLN A 156 6.63 11.60 10.67
N THR A 157 6.08 10.72 9.84
CA THR A 157 6.90 9.82 9.04
C THR A 157 7.61 10.62 7.95
N ARG A 158 8.89 10.30 7.71
CA ARG A 158 9.72 11.07 6.79
C ARG A 158 10.25 10.21 5.66
N ASN A 159 10.42 10.81 4.50
CA ASN A 159 10.95 10.08 3.34
C ASN A 159 12.45 9.82 3.52
N PRO A 160 12.89 8.55 3.43
CA PRO A 160 14.30 8.26 3.69
C PRO A 160 15.28 8.80 2.64
N TYR A 161 14.78 9.10 1.43
CA TYR A 161 15.62 9.69 0.38
C TYR A 161 16.03 11.11 0.76
N ARG A 162 15.13 11.76 1.50
CA ARG A 162 15.29 13.16 1.88
C ARG A 162 14.29 13.44 3.00
N PRO A 163 14.73 13.29 4.25
CA PRO A 163 13.80 13.30 5.38
C PRO A 163 12.99 14.58 5.61
N SER A 164 13.40 15.71 5.01
CA SER A 164 12.57 16.93 5.01
C SER A 164 11.32 16.80 4.12
N HIS A 165 11.30 15.79 3.22
CA HIS A 165 10.23 15.63 2.25
C HIS A 165 9.25 14.53 2.62
N SER A 166 8.08 14.60 1.98
CA SER A 166 6.95 13.76 2.30
C SER A 166 7.16 12.31 1.90
N PRO A 167 6.64 11.40 2.74
CA PRO A 167 6.57 10.01 2.32
C PRO A 167 5.27 9.69 1.55
N CYS A 168 4.42 10.69 1.29
CA CYS A 168 3.04 10.46 0.83
C CYS A 168 2.36 9.52 1.86
N GLY A 169 1.33 8.83 1.46
CA GLY A 169 0.56 7.99 2.39
C GLY A 169 -0.73 7.56 1.72
N SER A 170 -1.69 7.01 2.46
CA SER A 170 -1.59 6.85 3.90
C SER A 170 -0.70 5.70 4.39
N SER A 171 -0.29 4.78 3.52
CA SER A 171 0.60 3.68 3.97
C SER A 171 2.05 4.17 4.11
N SER A 172 2.22 5.28 4.81
CA SER A 172 3.49 6.00 4.82
C SER A 172 4.61 5.18 5.44
N GLY A 173 4.39 4.70 6.66
CA GLY A 173 5.40 3.93 7.37
C GLY A 173 5.78 2.61 6.71
N SER A 174 4.82 1.94 6.10
CA SER A 174 5.12 0.70 5.41
C SER A 174 6.07 0.94 4.21
N ALA A 175 5.78 1.98 3.42
CA ALA A 175 6.65 2.33 2.30
C ALA A 175 8.04 2.69 2.77
N VAL A 176 8.11 3.57 3.76
CA VAL A 176 9.37 4.05 4.29
C VAL A 176 10.22 2.89 4.87
N ALA A 177 9.58 2.05 5.67
CA ALA A 177 10.23 0.93 6.32
C ALA A 177 10.87 -0.01 5.31
N VAL A 178 10.15 -0.30 4.23
CA VAL A 178 10.68 -1.18 3.18
C VAL A 178 11.84 -0.52 2.46
N ALA A 179 11.65 0.73 2.07
CA ALA A 179 12.68 1.51 1.40
C ALA A 179 13.96 1.64 2.22
N ALA A 180 13.81 1.78 3.53
CA ALA A 180 14.96 1.95 4.44
C ALA A 180 15.44 0.63 5.07
N ASN A 181 14.97 -0.50 4.53
CA ASN A 181 15.37 -1.83 5.03
C ASN A 181 15.17 -1.99 6.54
N LEU A 182 14.02 -1.52 7.03
CA LEU A 182 13.60 -1.71 8.42
C LEU A 182 12.85 -3.03 8.62
N ALA A 183 12.42 -3.65 7.53
CA ALA A 183 11.87 -4.99 7.54
C ALA A 183 12.05 -5.61 6.16
N SER A 184 11.71 -6.88 6.01
CA SER A 184 11.82 -7.52 4.72
C SER A 184 10.76 -6.99 3.75
N VAL A 185 9.51 -7.01 4.21
CA VAL A 185 8.35 -6.59 3.42
C VAL A 185 7.33 -5.93 4.36
N ALA A 186 6.30 -5.32 3.80
CA ALA A 186 5.25 -4.73 4.63
C ALA A 186 3.90 -4.87 3.98
N ILE A 187 2.85 -4.62 4.76
CA ILE A 187 1.51 -4.56 4.23
C ILE A 187 0.98 -3.13 4.34
N GLY A 188 0.32 -2.67 3.27
CA GLY A 188 -0.37 -1.38 3.26
C GLY A 188 -1.83 -1.58 2.94
N THR A 189 -2.60 -0.48 2.91
CA THR A 189 -3.98 -0.53 2.41
C THR A 189 -4.19 0.66 1.51
N GLU A 190 -5.06 0.48 0.51
CA GLU A 190 -5.36 1.55 -0.43
C GLU A 190 -6.87 1.76 -0.51
N THR A 191 -7.25 3.03 -0.51
CA THR A 191 -8.61 3.44 -0.84
C THR A 191 -8.56 4.17 -2.20
N ASP A 192 -7.71 5.19 -2.28
CA ASP A 192 -7.32 5.80 -3.54
C ASP A 192 -5.91 6.36 -3.40
N GLY A 193 -4.94 5.57 -3.84
CA GLY A 193 -3.51 5.97 -3.86
C GLY A 193 -2.67 5.50 -2.69
N SER A 194 -3.32 5.03 -1.62
CA SER A 194 -2.69 4.89 -0.31
C SER A 194 -1.64 3.76 -0.23
N ILE A 195 -1.63 2.86 -1.20
CA ILE A 195 -0.48 1.94 -1.39
C ILE A 195 0.48 2.48 -2.44
N VAL A 196 -0.01 2.69 -3.67
CA VAL A 196 0.89 2.94 -4.80
C VAL A 196 1.58 4.30 -4.76
N CYS A 197 0.93 5.31 -4.16
CA CYS A 197 1.54 6.64 -4.02
C CYS A 197 2.78 6.61 -3.12
N PRO A 198 2.63 6.20 -1.86
CA PRO A 198 3.82 6.14 -1.01
C PRO A 198 4.84 5.12 -1.47
N ALA A 199 4.41 4.06 -2.15
CA ALA A 199 5.38 3.12 -2.73
C ALA A 199 6.24 3.83 -3.76
N ALA A 200 5.60 4.50 -4.72
CA ALA A 200 6.32 5.24 -5.74
C ALA A 200 7.23 6.35 -5.15
N ILE A 201 6.68 7.09 -4.20
CA ILE A 201 7.36 8.24 -3.59
C ILE A 201 8.62 7.84 -2.80
N ASN A 202 8.61 6.64 -2.26
CA ASN A 202 9.73 6.08 -1.51
C ASN A 202 10.48 4.97 -2.25
N GLY A 203 10.33 4.91 -3.59
CA GLY A 203 11.17 4.07 -4.42
C GLY A 203 11.04 2.57 -4.19
N VAL A 204 9.82 2.13 -3.91
CA VAL A 204 9.55 0.69 -3.73
C VAL A 204 8.34 0.22 -4.57
N VAL A 205 8.15 -1.10 -4.58
CA VAL A 205 7.06 -1.71 -5.31
C VAL A 205 5.84 -1.69 -4.38
N GLY A 206 4.70 -1.28 -4.92
CA GLY A 206 3.41 -1.41 -4.24
C GLY A 206 2.41 -2.02 -5.20
N LEU A 207 1.61 -2.94 -4.68
CA LEU A 207 0.60 -3.66 -5.45
C LEU A 207 -0.75 -3.48 -4.76
N LYS A 208 -1.67 -2.81 -5.44
CA LYS A 208 -3.08 -2.74 -4.98
C LYS A 208 -3.92 -3.73 -5.79
N PRO A 209 -4.35 -4.83 -5.15
CA PRO A 209 -5.12 -5.83 -5.88
C PRO A 209 -6.51 -5.40 -6.27
N THR A 210 -7.15 -6.22 -7.11
CA THR A 210 -8.58 -6.13 -7.34
C THR A 210 -9.31 -6.18 -5.98
N VAL A 211 -10.32 -5.34 -5.78
CA VAL A 211 -11.08 -5.39 -4.54
C VAL A 211 -11.77 -6.74 -4.41
N GLY A 212 -11.48 -7.47 -3.35
CA GLY A 212 -12.01 -8.81 -3.19
C GLY A 212 -10.99 -9.93 -3.27
N LEU A 213 -9.81 -9.67 -3.82
CA LEU A 213 -8.77 -10.71 -3.86
C LEU A 213 -8.27 -11.06 -2.46
N VAL A 214 -8.13 -10.02 -1.64
CA VAL A 214 -7.68 -10.12 -0.27
C VAL A 214 -8.73 -9.58 0.71
N SER A 215 -9.00 -10.34 1.76
CA SER A 215 -10.03 -9.96 2.74
C SER A 215 -9.71 -8.61 3.37
N ARG A 216 -10.73 -7.78 3.49
CA ARG A 216 -10.67 -6.56 4.28
C ARG A 216 -11.12 -6.79 5.72
N ASP A 217 -11.33 -8.03 6.16
CA ASP A 217 -11.74 -8.21 7.54
C ASP A 217 -10.61 -7.79 8.50
N GLY A 218 -10.98 -7.12 9.59
CA GLY A 218 -10.02 -6.69 10.60
C GLY A 218 -9.15 -5.51 10.21
N ILE A 219 -9.66 -4.68 9.31
CA ILE A 219 -8.98 -3.47 8.89
C ILE A 219 -9.91 -2.33 9.14
N ILE A 220 -9.41 -1.27 9.77
CA ILE A 220 -10.16 -0.04 9.94
C ILE A 220 -10.44 0.56 8.56
N PRO A 221 -11.73 0.64 8.16
CA PRO A 221 -12.09 0.90 6.78
C PRO A 221 -12.31 2.36 6.44
N ILE A 222 -12.20 2.68 5.16
CA ILE A 222 -12.85 3.86 4.59
C ILE A 222 -14.01 3.40 3.71
N SER A 223 -13.73 2.54 2.74
CA SER A 223 -14.67 2.25 1.66
C SER A 223 -14.82 0.75 1.39
N PHE A 224 -16.01 0.21 1.62
CA PHE A 224 -16.29 -1.17 1.19
C PHE A 224 -16.06 -1.36 -0.32
N SER A 225 -16.35 -0.33 -1.11
CA SER A 225 -16.24 -0.39 -2.57
C SER A 225 -14.78 -0.38 -3.08
N GLN A 226 -13.89 0.35 -2.40
CA GLN A 226 -12.55 0.60 -2.92
C GLN A 226 -11.38 0.04 -2.08
N ASP A 227 -11.60 -0.20 -0.79
CA ASP A 227 -10.51 -0.57 0.12
C ASP A 227 -9.90 -1.91 -0.27
N THR A 228 -8.58 -2.01 -0.22
CA THR A 228 -7.91 -3.32 -0.22
C THR A 228 -6.55 -3.21 0.43
N PRO A 229 -6.16 -4.25 1.20
CA PRO A 229 -4.75 -4.34 1.58
C PRO A 229 -3.90 -4.79 0.41
N GLY A 230 -2.59 -4.62 0.53
CA GLY A 230 -1.71 -5.07 -0.54
C GLY A 230 -0.29 -5.03 -0.08
N PRO A 231 0.60 -5.75 -0.80
CA PRO A 231 2.00 -5.84 -0.40
C PRO A 231 2.82 -4.63 -0.85
N MET A 232 3.84 -4.33 -0.05
CA MET A 232 4.80 -3.28 -0.32
C MET A 232 6.19 -3.89 -0.07
N ALA A 233 7.09 -3.74 -1.05
CA ALA A 233 8.34 -4.46 -1.03
C ALA A 233 9.33 -3.79 -1.94
N ARG A 234 10.61 -4.12 -1.80
CA ARG A 234 11.65 -3.51 -2.63
C ARG A 234 11.65 -4.10 -4.03
N SER A 235 11.05 -5.28 -4.21
CA SER A 235 11.05 -5.97 -5.50
C SER A 235 9.71 -6.60 -5.79
N VAL A 236 9.46 -6.86 -7.08
CA VAL A 236 8.22 -7.50 -7.51
C VAL A 236 8.10 -8.94 -6.98
N ALA A 237 9.20 -9.67 -7.00
CA ALA A 237 9.23 -11.05 -6.45
C ALA A 237 8.80 -11.10 -4.98
N ASP A 238 9.28 -10.17 -4.19
CA ASP A 238 8.89 -10.08 -2.79
C ASP A 238 7.39 -9.76 -2.67
N ALA A 239 6.91 -8.82 -3.47
CA ALA A 239 5.49 -8.46 -3.46
C ALA A 239 4.60 -9.66 -3.85
N ALA A 240 5.08 -10.46 -4.81
CA ALA A 240 4.34 -11.62 -5.30
C ALA A 240 4.24 -12.72 -4.25
N ALA A 241 5.35 -12.93 -3.54
CA ALA A 241 5.40 -13.86 -2.40
C ALA A 241 4.39 -13.47 -1.32
N VAL A 242 4.33 -12.18 -1.01
CA VAL A 242 3.36 -11.72 -0.04
C VAL A 242 1.91 -11.92 -0.51
N LEU A 243 1.64 -11.60 -1.77
CA LEU A 243 0.29 -11.69 -2.28
C LEU A 243 -0.21 -13.15 -2.25
N THR A 244 0.68 -14.06 -2.60
CA THR A 244 0.37 -15.50 -2.53
C THR A 244 -0.11 -15.90 -1.15
N ALA A 245 0.50 -15.35 -0.11
CA ALA A 245 0.17 -15.71 1.25
C ALA A 245 -1.14 -15.11 1.75
N ILE A 246 -1.53 -13.95 1.24
CA ILE A 246 -2.71 -13.25 1.79
C ILE A 246 -3.97 -13.35 0.94
N ALA A 247 -3.84 -13.64 -0.35
CA ALA A 247 -5.02 -13.84 -1.22
C ALA A 247 -5.89 -15.02 -0.77
N GLY A 248 -7.20 -14.82 -0.79
CA GLY A 248 -8.12 -15.89 -0.47
C GLY A 248 -9.50 -15.45 -0.06
N ARG A 249 -10.45 -16.36 -0.17
CA ARG A 249 -11.82 -16.07 0.22
C ARG A 249 -11.97 -16.09 1.73
N ASP A 250 -12.78 -15.15 2.24
CA ASP A 250 -13.09 -15.01 3.66
C ASP A 250 -14.59 -14.76 3.77
N PRO A 251 -15.34 -15.70 4.38
CA PRO A 251 -16.77 -15.45 4.53
C PRO A 251 -17.14 -14.17 5.32
N ALA A 252 -16.21 -13.66 6.14
CA ALA A 252 -16.43 -12.39 6.82
C ALA A 252 -16.52 -11.18 5.86
N ASP A 253 -15.89 -11.28 4.70
CA ASP A 253 -15.84 -10.18 3.73
C ASP A 253 -16.54 -10.60 2.43
N PRO A 254 -17.82 -10.19 2.24
CA PRO A 254 -18.56 -10.58 1.04
C PRO A 254 -17.88 -10.21 -0.29
N ALA A 255 -17.04 -9.19 -0.29
CA ALA A 255 -16.29 -8.86 -1.51
C ALA A 255 -15.41 -10.02 -2.01
N THR A 256 -14.92 -10.85 -1.12
CA THR A 256 -14.08 -11.98 -1.55
C THR A 256 -14.89 -13.11 -2.19
N ALA A 257 -16.21 -13.11 -2.01
CA ALA A 257 -17.07 -14.07 -2.68
C ALA A 257 -17.31 -13.72 -4.17
N THR A 258 -17.02 -12.48 -4.57
CA THR A 258 -17.31 -12.01 -5.92
C THR A 258 -16.24 -12.36 -6.95
N MET A 259 -15.20 -13.07 -6.55
CA MET A 259 -14.15 -13.41 -7.48
C MET A 259 -14.52 -14.66 -8.27
N PRO A 260 -14.59 -14.55 -9.61
CA PRO A 260 -14.85 -15.74 -10.40
C PRO A 260 -13.55 -16.51 -10.55
N GLY A 261 -13.67 -17.83 -10.64
CA GLY A 261 -12.49 -18.69 -10.80
C GLY A 261 -11.41 -18.42 -9.78
N ARG A 262 -11.81 -18.21 -8.52
CA ARG A 262 -10.88 -18.24 -7.38
C ARG A 262 -10.19 -19.60 -7.36
N ALA A 263 -8.86 -19.60 -7.55
CA ALA A 263 -8.08 -20.83 -7.50
C ALA A 263 -6.81 -20.63 -6.68
N VAL A 264 -6.37 -21.68 -6.00
CA VAL A 264 -5.07 -21.67 -5.35
C VAL A 264 -4.01 -21.24 -6.38
N TYR A 265 -3.23 -20.22 -6.04
CA TYR A 265 -2.32 -19.62 -7.03
C TYR A 265 -1.07 -19.08 -6.39
N ASP A 266 0.09 -19.46 -6.92
CA ASP A 266 1.35 -18.93 -6.46
C ASP A 266 1.85 -17.89 -7.44
N TYR A 267 1.81 -16.63 -7.05
CA TYR A 267 2.13 -15.55 -7.98
C TYR A 267 3.60 -15.46 -8.30
N THR A 268 4.46 -16.12 -7.51
CA THR A 268 5.89 -16.13 -7.81
C THR A 268 6.21 -16.97 -9.05
N ALA A 269 5.28 -17.84 -9.47
CA ALA A 269 5.41 -18.55 -10.74
C ALA A 269 5.32 -17.61 -11.95
N ARG A 270 4.80 -16.40 -11.74
CA ARG A 270 4.70 -15.41 -12.81
C ARG A 270 5.96 -14.51 -12.87
N LEU A 271 7.05 -14.92 -12.23
CA LEU A 271 8.29 -14.14 -12.27
C LEU A 271 9.14 -14.62 -13.44
N ASP A 272 8.77 -14.12 -14.61
CA ASP A 272 9.32 -14.54 -15.87
C ASP A 272 10.05 -13.36 -16.52
N PRO A 273 11.35 -13.48 -16.74
CA PRO A 273 12.07 -12.37 -17.39
C PRO A 273 11.65 -12.14 -18.85
N GLN A 274 10.97 -13.13 -19.45
CA GLN A 274 10.37 -12.97 -20.78
C GLN A 274 8.90 -12.55 -20.69
N GLY A 275 8.48 -12.06 -19.53
CA GLY A 275 7.08 -11.78 -19.24
C GLY A 275 6.44 -10.67 -20.06
N LEU A 276 7.26 -9.87 -20.75
CA LEU A 276 6.71 -8.81 -21.61
C LEU A 276 6.60 -9.19 -23.09
N ARG A 277 7.18 -10.31 -23.49
CA ARG A 277 7.19 -10.72 -24.90
C ARG A 277 5.78 -10.92 -25.43
N GLY A 278 5.46 -10.17 -26.48
CA GLY A 278 4.15 -10.24 -27.09
C GLY A 278 3.04 -9.51 -26.37
N LYS A 279 3.32 -8.92 -25.22
CA LYS A 279 2.31 -8.15 -24.51
C LYS A 279 2.06 -6.82 -25.23
N ARG A 280 0.84 -6.30 -25.09
CA ARG A 280 0.48 -5.01 -25.66
C ARG A 280 0.18 -4.07 -24.51
N ILE A 281 0.87 -2.93 -24.49
CA ILE A 281 0.75 -1.96 -23.40
C ILE A 281 0.34 -0.59 -23.93
N GLY A 282 -0.64 0.03 -23.28
CA GLY A 282 -1.02 1.39 -23.60
C GLY A 282 -0.30 2.37 -22.70
N LEU A 283 0.50 3.26 -23.28
CA LEU A 283 1.08 4.36 -22.52
C LEU A 283 0.05 5.48 -22.42
N LEU A 284 -0.46 5.70 -21.20
CA LEU A 284 -1.55 6.62 -20.98
C LEU A 284 -1.16 8.06 -21.21
N GLN A 285 -1.98 8.75 -21.99
CA GLN A 285 -1.73 10.14 -22.36
C GLN A 285 -2.35 11.04 -21.31
N VAL A 286 -1.63 11.24 -20.21
CA VAL A 286 -2.15 11.96 -19.04
C VAL A 286 -1.21 13.09 -18.65
N PRO A 287 -1.68 14.06 -17.86
CA PRO A 287 -0.82 15.22 -17.57
C PRO A 287 0.55 14.89 -16.94
N LEU A 288 0.65 13.81 -16.17
CA LEU A 288 1.94 13.47 -15.54
C LEU A 288 3.06 13.20 -16.53
N LEU A 289 2.73 12.88 -17.78
CA LEU A 289 3.76 12.73 -18.81
C LEU A 289 4.64 13.98 -18.98
N LYS A 290 4.06 15.15 -18.70
CA LYS A 290 4.76 16.44 -18.83
C LYS A 290 5.15 17.08 -17.51
N TYR A 291 4.99 16.34 -16.42
CA TYR A 291 5.50 16.76 -15.12
C TYR A 291 6.99 17.06 -15.22
N ARG A 292 7.46 18.08 -14.51
CA ARG A 292 8.82 18.56 -14.72
C ARG A 292 9.82 17.44 -14.42
N GLY A 293 10.63 17.10 -15.41
CA GLY A 293 11.65 16.07 -15.28
C GLY A 293 11.19 14.67 -15.68
N MET A 294 9.89 14.51 -15.92
CA MET A 294 9.32 13.19 -16.22
C MET A 294 9.57 12.64 -17.63
N PRO A 295 9.50 13.51 -18.68
CA PRO A 295 9.61 12.99 -20.04
C PRO A 295 10.79 12.05 -20.32
N PRO A 296 12.00 12.36 -19.82
CA PRO A 296 13.07 11.40 -20.10
C PRO A 296 12.81 10.04 -19.44
N LEU A 297 12.18 10.05 -18.27
CA LEU A 297 12.00 8.80 -17.54
C LEU A 297 10.91 7.95 -18.18
N ILE A 298 9.80 8.58 -18.55
CA ILE A 298 8.68 7.82 -19.09
C ILE A 298 9.02 7.38 -20.52
N GLU A 299 9.79 8.19 -21.25
CA GLU A 299 10.33 7.79 -22.55
C GLU A 299 11.27 6.58 -22.45
N GLN A 300 12.18 6.61 -21.48
CA GLN A 300 13.09 5.50 -21.26
C GLN A 300 12.30 4.25 -20.84
N ALA A 301 11.29 4.42 -20.00
CA ALA A 301 10.48 3.28 -19.56
C ALA A 301 9.77 2.59 -20.74
N ALA A 302 9.16 3.39 -21.62
CA ALA A 302 8.52 2.86 -22.83
C ALA A 302 9.53 2.08 -23.68
N THR A 303 10.73 2.63 -23.79
CA THR A 303 11.78 1.99 -24.55
C THR A 303 12.20 0.65 -23.95
N GLU A 304 12.34 0.60 -22.63
CA GLU A 304 12.71 -0.62 -21.94
C GLU A 304 11.60 -1.67 -22.08
N LEU A 305 10.34 -1.23 -22.02
CA LEU A 305 9.23 -2.15 -22.23
C LEU A 305 9.32 -2.79 -23.62
N ARG A 306 9.65 -1.97 -24.62
CA ARG A 306 9.77 -2.48 -25.99
C ARG A 306 10.96 -3.42 -26.12
N ARG A 307 12.07 -3.06 -25.49
CA ARG A 307 13.27 -3.91 -25.51
C ARG A 307 13.02 -5.27 -24.90
N ALA A 308 12.11 -5.31 -23.93
CA ALA A 308 11.70 -6.57 -23.30
C ALA A 308 10.73 -7.37 -24.18
N GLY A 309 10.32 -6.80 -25.30
CA GLY A 309 9.48 -7.49 -26.28
C GLY A 309 8.03 -7.07 -26.30
N ALA A 310 7.65 -6.07 -25.52
CA ALA A 310 6.28 -5.59 -25.56
C ALA A 310 6.03 -4.63 -26.72
N VAL A 311 4.78 -4.58 -27.17
CA VAL A 311 4.31 -3.52 -28.05
C VAL A 311 3.70 -2.42 -27.17
N VAL A 312 4.14 -1.19 -27.38
CA VAL A 312 3.75 -0.06 -26.55
C VAL A 312 3.16 1.00 -27.46
N VAL A 313 1.91 1.35 -27.21
CA VAL A 313 1.19 2.30 -28.03
C VAL A 313 0.62 3.42 -27.15
N PRO A 314 0.55 4.64 -27.69
CA PRO A 314 -0.09 5.71 -26.93
C PRO A 314 -1.62 5.51 -26.84
N VAL A 315 -2.20 5.75 -25.68
CA VAL A 315 -3.64 5.60 -25.55
C VAL A 315 -4.23 6.65 -24.65
N GLU A 316 -5.45 7.04 -24.96
CA GLU A 316 -6.17 7.99 -24.15
C GLU A 316 -7.12 7.25 -23.21
N LEU A 317 -7.31 7.82 -22.02
CA LEU A 317 -8.45 7.47 -21.18
C LEU A 317 -9.26 8.77 -21.04
N PRO A 318 -10.17 9.05 -22.00
CA PRO A 318 -10.79 10.37 -22.04
C PRO A 318 -11.53 10.72 -20.75
N ASN A 319 -11.48 12.00 -20.39
CA ASN A 319 -12.08 12.48 -19.15
C ASN A 319 -11.56 11.74 -17.91
N TYR A 320 -10.26 11.44 -17.91
CA TYR A 320 -9.62 10.90 -16.73
C TYR A 320 -9.99 11.79 -15.55
N GLY A 321 -10.45 11.21 -14.46
CA GLY A 321 -10.80 11.97 -13.27
C GLY A 321 -12.25 12.47 -13.23
N ALA A 322 -13.04 12.19 -14.26
CA ALA A 322 -14.45 12.61 -14.25
C ALA A 322 -15.30 11.92 -13.14
N TRP A 323 -14.76 10.86 -12.56
CA TRP A 323 -15.36 10.17 -11.40
C TRP A 323 -15.04 10.85 -10.05
N ALA A 324 -14.25 11.91 -10.05
CA ALA A 324 -13.78 12.52 -8.79
C ALA A 324 -14.91 12.91 -7.82
N GLU A 325 -15.95 13.54 -8.35
CA GLU A 325 -17.05 14.08 -7.54
C GLU A 325 -17.84 12.93 -6.92
N ALA A 326 -18.24 12.00 -7.77
CA ALA A 326 -18.92 10.76 -7.36
C ALA A 326 -18.13 9.96 -6.33
N GLU A 327 -16.82 9.84 -6.52
CA GLU A 327 -15.95 9.13 -5.59
C GLU A 327 -15.89 9.81 -4.22
N ARG A 328 -15.78 11.13 -4.21
CA ARG A 328 -15.73 11.84 -2.95
C ARG A 328 -17.01 11.55 -2.13
N THR A 329 -18.14 11.57 -2.83
CA THR A 329 -19.45 11.32 -2.23
C THR A 329 -19.52 9.92 -1.67
N LEU A 330 -19.16 8.90 -2.46
CA LEU A 330 -19.26 7.51 -1.96
C LEU A 330 -18.36 7.25 -0.77
N LEU A 331 -17.16 7.83 -0.79
CA LEU A 331 -16.21 7.68 0.31
C LEU A 331 -16.73 8.28 1.62
N LEU A 332 -17.38 9.42 1.57
CA LEU A 332 -17.93 10.06 2.76
C LEU A 332 -18.99 9.18 3.39
N TYR A 333 -19.90 8.69 2.56
CA TYR A 333 -20.98 7.82 3.01
C TYR A 333 -20.44 6.51 3.54
N GLU A 334 -19.52 5.90 2.79
CA GLU A 334 -18.98 4.59 3.15
C GLU A 334 -18.10 4.62 4.39
N PHE A 335 -17.39 5.74 4.59
CA PHE A 335 -16.53 5.90 5.76
C PHE A 335 -17.37 5.86 7.05
N LYS A 336 -18.39 6.69 7.12
CA LYS A 336 -19.29 6.68 8.29
C LYS A 336 -19.83 5.29 8.57
N ALA A 337 -20.42 4.67 7.56
CA ALA A 337 -21.13 3.39 7.73
C ALA A 337 -20.14 2.26 8.07
N GLY A 338 -19.03 2.24 7.35
CA GLY A 338 -18.01 1.21 7.55
C GLY A 338 -17.31 1.33 8.90
N LEU A 339 -16.96 2.54 9.29
CA LEU A 339 -16.26 2.76 10.54
C LEU A 339 -17.13 2.36 11.72
N GLU A 340 -18.39 2.79 11.69
CA GLU A 340 -19.31 2.50 12.78
C GLU A 340 -19.54 0.98 12.92
N ARG A 341 -19.67 0.27 11.79
CA ARG A 341 -19.73 -1.20 11.80
C ARG A 341 -18.46 -1.85 12.39
N TYR A 342 -17.31 -1.35 11.96
CA TYR A 342 -16.02 -1.84 12.47
C TYR A 342 -15.93 -1.66 14.00
N PHE A 343 -16.25 -0.47 14.47
CA PHE A 343 -16.20 -0.20 15.91
C PHE A 343 -17.12 -1.13 16.70
N ASN A 344 -18.29 -1.44 16.15
CA ASN A 344 -19.23 -2.37 16.78
C ASN A 344 -18.70 -3.80 16.79
N THR A 345 -18.22 -4.24 15.64
CA THR A 345 -17.72 -5.60 15.49
C THR A 345 -16.57 -5.91 16.45
N HIS A 346 -15.63 -4.98 16.57
CA HIS A 346 -14.42 -5.18 17.36
C HIS A 346 -14.48 -4.57 18.75
N ARG A 347 -15.67 -4.09 19.14
CA ARG A 347 -15.91 -3.58 20.48
C ARG A 347 -14.89 -2.51 20.86
N ALA A 348 -14.74 -1.53 19.98
CA ALA A 348 -13.80 -0.45 20.17
C ALA A 348 -14.30 0.52 21.22
N PRO A 349 -13.42 1.34 21.80
CA PRO A 349 -13.85 2.29 22.83
C PRO A 349 -14.60 3.51 22.26
N LEU A 350 -14.49 3.73 20.96
CA LEU A 350 -15.38 4.65 20.25
C LEU A 350 -16.37 3.77 19.55
N ARG A 351 -17.60 4.22 19.45
CA ARG A 351 -18.60 3.45 18.69
C ARG A 351 -19.17 4.20 17.50
N SER A 352 -18.92 5.49 17.40
CA SER A 352 -19.44 6.29 16.30
C SER A 352 -18.43 7.29 15.83
N LEU A 353 -18.65 7.81 14.63
CA LEU A 353 -17.88 8.93 14.11
C LEU A 353 -18.07 10.17 14.99
N ALA A 354 -19.29 10.39 15.50
CA ALA A 354 -19.52 11.46 16.46
C ALA A 354 -18.60 11.34 17.67
N ASP A 355 -18.45 10.14 18.21
CA ASP A 355 -17.55 9.88 19.32
C ASP A 355 -16.12 10.32 18.98
N LEU A 356 -15.67 9.99 17.77
CA LEU A 356 -14.31 10.31 17.34
C LEU A 356 -14.12 11.83 17.24
N ILE A 357 -15.08 12.47 16.60
CA ILE A 357 -15.08 13.93 16.47
C ILE A 357 -15.04 14.58 17.86
N ALA A 358 -15.91 14.11 18.77
CA ALA A 358 -15.92 14.61 20.14
C ALA A 358 -14.59 14.39 20.87
N PHE A 359 -13.98 13.22 20.67
CA PHE A 359 -12.67 12.92 21.25
C PHE A 359 -11.64 13.93 20.77
N ASN A 360 -11.58 14.12 19.46
CA ASN A 360 -10.58 15.03 18.87
C ASN A 360 -10.70 16.46 19.40
N GLN A 361 -11.93 16.96 19.56
CA GLN A 361 -12.15 18.30 20.11
C GLN A 361 -11.71 18.37 21.57
N ALA A 362 -11.99 17.30 22.33
CA ALA A 362 -11.55 17.19 23.73
C ALA A 362 -10.02 17.07 23.84
N HIS A 363 -9.38 16.64 22.77
CA HIS A 363 -7.92 16.51 22.72
C HIS A 363 -7.30 17.38 21.63
N SER A 364 -7.86 18.57 21.48
CA SER A 364 -7.54 19.43 20.35
C SER A 364 -6.07 19.79 20.30
N LYS A 365 -5.45 20.02 21.47
CA LYS A 365 -4.03 20.38 21.52
C LYS A 365 -3.14 19.32 20.88
N GLN A 366 -3.49 18.06 21.09
CA GLN A 366 -2.68 16.96 20.57
C GLN A 366 -3.17 16.45 19.23
N GLU A 367 -4.47 16.55 18.95
CA GLU A 367 -5.04 16.00 17.71
C GLU A 367 -5.26 17.01 16.60
N LEU A 368 -5.54 18.26 16.96
CA LEU A 368 -6.03 19.25 15.99
C LEU A 368 -5.12 20.45 15.88
N ALA A 369 -3.88 20.30 16.32
CA ALA A 369 -2.96 21.45 16.37
C ALA A 369 -2.50 21.84 14.98
N LEU A 370 -2.25 20.87 14.10
CA LEU A 370 -1.67 21.16 12.78
C LEU A 370 -2.73 21.38 11.71
N PHE A 371 -3.85 20.66 11.83
CA PHE A 371 -4.95 20.77 10.90
C PHE A 371 -6.19 20.16 11.54
N GLY A 372 -7.34 20.38 10.89
CA GLY A 372 -8.62 20.03 11.48
C GLY A 372 -9.10 18.64 11.17
N GLN A 373 -10.41 18.44 11.30
CA GLN A 373 -11.04 17.16 11.07
C GLN A 373 -12.30 17.32 10.21
N GLU A 374 -12.19 18.18 9.20
CA GLU A 374 -13.35 18.63 8.42
C GLU A 374 -14.04 17.49 7.67
N LEU A 375 -13.26 16.50 7.24
CA LEU A 375 -13.81 15.38 6.46
C LEU A 375 -14.55 14.39 7.36
N LEU A 376 -14.11 14.28 8.62
CA LEU A 376 -14.85 13.48 9.62
C LEU A 376 -16.23 14.09 9.80
N VAL A 377 -16.26 15.39 10.01
CA VAL A 377 -17.51 16.13 10.18
C VAL A 377 -18.42 15.94 8.97
N GLU A 378 -17.86 16.07 7.78
CA GLU A 378 -18.61 15.91 6.54
C GLU A 378 -19.19 14.51 6.37
N ALA A 379 -18.37 13.48 6.62
CA ALA A 379 -18.82 12.09 6.56
C ALA A 379 -19.94 11.86 7.57
N ASP A 380 -19.81 12.43 8.76
CA ASP A 380 -20.78 12.21 9.81
C ASP A 380 -22.13 12.80 9.43
N ALA A 381 -22.12 13.83 8.60
CA ALA A 381 -23.35 14.45 8.09
C ALA A 381 -24.13 13.61 7.09
N THR A 382 -23.52 12.57 6.52
CA THR A 382 -24.17 11.81 5.46
C THR A 382 -25.37 11.07 6.05
N ALA A 383 -26.43 10.95 5.26
CA ALA A 383 -27.68 10.40 5.77
C ALA A 383 -27.63 8.87 5.96
N GLY A 384 -26.76 8.20 5.20
CA GLY A 384 -26.62 6.74 5.25
C GLY A 384 -26.72 6.10 3.88
N LEU A 385 -26.51 4.79 3.83
CA LEU A 385 -26.37 4.07 2.56
C LEU A 385 -27.65 3.88 1.77
N ALA A 386 -28.80 4.25 2.33
CA ALA A 386 -30.07 4.20 1.60
C ALA A 386 -30.37 5.49 0.81
N ASP A 387 -29.52 6.50 0.93
CA ASP A 387 -29.66 7.72 0.17
C ASP A 387 -29.39 7.45 -1.32
N PRO A 388 -30.39 7.70 -2.18
CA PRO A 388 -30.15 7.50 -3.62
C PRO A 388 -28.96 8.26 -4.20
N ALA A 389 -28.60 9.41 -3.62
CA ALA A 389 -27.42 10.18 -4.04
C ALA A 389 -26.17 9.36 -3.88
N TYR A 390 -26.08 8.64 -2.77
CA TYR A 390 -24.99 7.71 -2.54
C TYR A 390 -24.99 6.57 -3.58
N ILE A 391 -26.15 5.94 -3.72
CA ILE A 391 -26.31 4.80 -4.63
C ILE A 391 -25.84 5.20 -6.05
N ARG A 392 -26.29 6.36 -6.52
CA ARG A 392 -25.90 6.87 -7.84
C ARG A 392 -24.41 7.16 -7.93
N ALA A 393 -23.85 7.77 -6.89
CA ALA A 393 -22.44 8.12 -6.88
C ALA A 393 -21.57 6.84 -6.96
N ARG A 394 -21.92 5.84 -6.17
CA ARG A 394 -21.17 4.58 -6.13
C ARG A 394 -21.20 3.91 -7.50
N SER A 395 -22.40 3.82 -8.06
CA SER A 395 -22.57 3.21 -9.39
C SER A 395 -21.83 4.00 -10.48
N ASP A 396 -22.00 5.33 -10.49
CA ASP A 396 -21.33 6.19 -11.48
C ASP A 396 -19.81 6.13 -11.43
N ALA A 397 -19.24 6.24 -10.23
CA ALA A 397 -17.78 6.24 -10.11
C ALA A 397 -17.17 4.96 -10.67
N ARG A 398 -17.74 3.83 -10.26
CA ARG A 398 -17.29 2.51 -10.70
C ARG A 398 -17.42 2.35 -12.22
N ARG A 399 -18.55 2.77 -12.76
CA ARG A 399 -18.79 2.66 -14.20
C ARG A 399 -17.82 3.51 -15.01
N LEU A 400 -17.56 4.74 -14.55
CA LEU A 400 -16.68 5.65 -15.27
C LEU A 400 -15.24 5.17 -15.30
N ALA A 401 -14.78 4.63 -14.17
CA ALA A 401 -13.38 4.24 -14.01
C ALA A 401 -13.07 2.86 -14.59
N GLY A 402 -14.01 1.93 -14.48
CA GLY A 402 -13.81 0.55 -14.93
C GLY A 402 -14.30 0.34 -16.35
N PRO A 403 -15.53 -0.12 -16.50
CA PRO A 403 -16.08 -0.35 -17.84
C PRO A 403 -15.82 0.76 -18.85
N GLU A 404 -16.07 2.01 -18.47
CA GLU A 404 -15.92 3.13 -19.42
C GLU A 404 -14.56 3.76 -19.41
N GLY A 405 -13.73 3.41 -18.43
CA GLY A 405 -12.39 3.94 -18.33
C GLY A 405 -11.36 2.90 -18.74
N ILE A 406 -10.82 2.19 -17.75
CA ILE A 406 -9.74 1.23 -17.98
C ILE A 406 -10.16 0.17 -19.00
N ASP A 407 -11.35 -0.42 -18.82
CA ASP A 407 -11.78 -1.48 -19.71
C ASP A 407 -11.97 -1.03 -21.15
N ALA A 408 -12.55 0.17 -21.33
CA ALA A 408 -12.74 0.71 -22.68
C ALA A 408 -11.40 0.94 -23.38
N ALA A 409 -10.41 1.43 -22.65
CA ALA A 409 -9.07 1.67 -23.21
C ALA A 409 -8.40 0.35 -23.58
N LEU A 410 -8.44 -0.62 -22.67
CA LEU A 410 -7.87 -1.93 -22.94
C LEU A 410 -8.52 -2.58 -24.16
N ALA A 411 -9.85 -2.52 -24.23
CA ALA A 411 -10.58 -3.22 -25.29
C ALA A 411 -10.37 -2.56 -26.66
N ALA A 412 -10.35 -1.24 -26.68
CA ALA A 412 -10.27 -0.51 -27.94
C ALA A 412 -8.93 -0.73 -28.63
N HIS A 413 -7.88 -0.97 -27.86
CA HIS A 413 -6.54 -1.21 -28.42
C HIS A 413 -6.03 -2.63 -28.17
N GLN A 414 -6.90 -3.54 -27.75
CA GLN A 414 -6.52 -4.92 -27.47
C GLN A 414 -5.24 -4.97 -26.63
N LEU A 415 -5.28 -4.32 -25.46
CA LEU A 415 -4.12 -4.21 -24.57
C LEU A 415 -4.20 -5.15 -23.38
N ASP A 416 -3.03 -5.51 -22.89
CA ASP A 416 -2.91 -6.31 -21.70
C ASP A 416 -2.85 -5.43 -20.44
N ALA A 417 -2.33 -4.21 -20.59
CA ALA A 417 -2.21 -3.28 -19.48
C ALA A 417 -2.09 -1.85 -19.98
N LEU A 418 -2.35 -0.92 -19.07
CA LEU A 418 -2.04 0.49 -19.27
C LEU A 418 -0.92 0.88 -18.32
N VAL A 419 -0.05 1.77 -18.75
CA VAL A 419 1.02 2.27 -17.88
C VAL A 419 1.05 3.80 -17.88
N ALA A 420 1.53 4.35 -16.78
CA ALA A 420 1.71 5.79 -16.61
C ALA A 420 2.64 6.03 -15.43
N PRO A 421 3.24 7.23 -15.36
CA PRO A 421 3.93 7.56 -14.13
C PRO A 421 2.92 7.54 -12.99
N THR A 422 3.29 6.94 -11.87
CA THR A 422 2.38 6.84 -10.73
C THR A 422 1.95 8.19 -10.17
N THR A 423 2.93 9.04 -9.93
CA THR A 423 2.74 10.37 -9.36
C THR A 423 4.03 11.17 -9.64
N GLY A 424 4.13 12.37 -9.08
CA GLY A 424 5.35 13.16 -9.17
C GLY A 424 6.30 12.77 -8.05
N VAL A 425 7.21 13.67 -7.70
CA VAL A 425 8.16 13.38 -6.60
C VAL A 425 7.72 13.96 -5.25
N ALA A 426 8.37 13.49 -4.18
CA ALA A 426 8.12 13.98 -2.84
C ALA A 426 8.24 15.47 -2.76
N TRP A 427 7.37 16.06 -1.96
CA TRP A 427 7.31 17.51 -1.76
C TRP A 427 7.77 17.80 -0.32
N PRO A 428 8.22 19.03 -0.04
CA PRO A 428 8.62 19.39 1.32
C PRO A 428 7.49 19.18 2.30
N ILE A 429 7.79 18.65 3.48
CA ILE A 429 6.81 18.58 4.56
C ILE A 429 6.62 20.02 5.08
N ARG A 430 5.39 20.51 5.00
CA ARG A 430 5.05 21.89 5.41
C ARG A 430 3.80 21.89 6.32
N PRO A 431 3.65 22.90 7.20
CA PRO A 431 2.41 22.98 8.00
C PRO A 431 1.16 23.19 7.16
N GLU A 432 1.35 23.72 5.95
CA GLU A 432 0.24 24.00 5.03
C GLU A 432 -0.44 22.75 4.47
N GLY A 433 0.22 21.60 4.58
CA GLY A 433 -0.36 20.36 4.08
C GLY A 433 0.22 20.04 2.72
N ASP A 434 -0.26 18.96 2.10
CA ASP A 434 0.40 18.40 0.92
C ASP A 434 0.30 19.29 -0.31
N ASP A 435 1.40 19.40 -1.05
CA ASP A 435 1.41 20.02 -2.34
C ASP A 435 1.40 18.89 -3.36
N PHE A 436 0.21 18.39 -3.67
CA PHE A 436 0.05 17.15 -4.42
C PHE A 436 0.25 17.34 -5.95
N PRO A 437 1.17 16.59 -6.58
CA PRO A 437 1.57 16.82 -7.97
C PRO A 437 0.71 16.24 -9.10
N GLY A 438 -0.17 15.30 -8.81
CA GLY A 438 -0.91 14.61 -9.85
C GLY A 438 -0.85 13.11 -9.60
N GLU A 439 -1.72 12.36 -10.28
CA GLU A 439 -1.78 10.93 -10.11
C GLU A 439 -2.28 10.25 -11.35
N SER A 440 -1.94 8.98 -11.49
N SER A 440 -1.94 8.98 -11.49
CA SER A 440 -2.51 8.13 -12.52
CA SER A 440 -2.50 8.11 -12.52
C SER A 440 -3.10 6.85 -11.93
C SER A 440 -3.14 6.87 -11.93
N TYR A 441 -3.27 6.82 -10.60
CA TYR A 441 -3.73 5.61 -9.90
C TYR A 441 -5.23 5.59 -9.52
N SER A 442 -5.88 6.74 -9.64
CA SER A 442 -7.28 6.88 -9.22
C SER A 442 -8.20 5.96 -10.02
N ALA A 443 -7.95 5.83 -11.33
CA ALA A 443 -8.82 4.99 -12.14
C ALA A 443 -8.90 3.58 -11.59
N ALA A 444 -7.74 2.99 -11.28
CA ALA A 444 -7.70 1.64 -10.79
C ALA A 444 -8.38 1.53 -9.42
N ALA A 445 -8.10 2.50 -8.55
CA ALA A 445 -8.66 2.51 -7.20
C ALA A 445 -10.20 2.59 -7.25
N VAL A 446 -10.69 3.47 -8.12
CA VAL A 446 -12.14 3.71 -8.22
C VAL A 446 -12.85 2.56 -8.92
N ALA A 447 -12.16 1.94 -9.88
CA ALA A 447 -12.66 0.76 -10.60
C ALA A 447 -12.64 -0.50 -9.75
N GLY A 448 -11.85 -0.48 -8.69
CA GLY A 448 -11.61 -1.67 -7.88
C GLY A 448 -10.70 -2.65 -8.60
N TYR A 449 -9.85 -2.13 -9.50
CA TYR A 449 -9.03 -2.94 -10.39
C TYR A 449 -7.57 -2.93 -9.92
N PRO A 450 -6.80 -3.96 -10.31
CA PRO A 450 -5.42 -4.05 -9.81
C PRO A 450 -4.46 -3.02 -10.42
N SER A 451 -3.59 -2.49 -9.58
CA SER A 451 -2.51 -1.62 -10.04
C SER A 451 -1.21 -2.01 -9.32
N LEU A 452 -0.08 -1.65 -9.93
CA LEU A 452 1.22 -2.08 -9.42
C LEU A 452 2.26 -1.07 -9.85
N THR A 453 2.95 -0.47 -8.89
CA THR A 453 3.98 0.51 -9.20
C THR A 453 5.38 -0.10 -9.04
N VAL A 454 6.22 0.14 -10.03
CA VAL A 454 7.63 -0.31 -10.02
C VAL A 454 8.55 0.91 -10.16
N PRO A 455 9.61 1.00 -9.33
CA PRO A 455 10.56 2.10 -9.51
C PRO A 455 11.07 2.20 -10.93
N MET A 456 11.02 3.41 -11.50
CA MET A 456 11.50 3.62 -12.86
C MET A 456 12.60 4.65 -12.96
N GLY A 457 13.00 5.20 -11.82
CA GLY A 457 14.11 6.10 -11.78
C GLY A 457 13.90 7.16 -10.73
N GLN A 458 14.62 8.26 -10.88
CA GLN A 458 14.53 9.38 -9.95
C GLN A 458 14.58 10.71 -10.71
N ILE A 459 14.00 11.73 -10.09
CA ILE A 459 14.15 13.12 -10.49
C ILE A 459 14.71 13.89 -9.28
N ASP A 460 15.85 14.55 -9.48
CA ASP A 460 16.52 15.32 -8.43
C ASP A 460 16.80 14.44 -7.19
N GLY A 461 17.07 13.17 -7.43
CA GLY A 461 17.40 12.21 -6.38
C GLY A 461 16.19 11.62 -5.66
N LEU A 462 14.99 11.91 -6.16
CA LEU A 462 13.73 11.49 -5.54
C LEU A 462 13.02 10.47 -6.44
N PRO A 463 12.58 9.33 -5.86
CA PRO A 463 12.04 8.28 -6.71
C PRO A 463 10.77 8.60 -7.46
N VAL A 464 10.63 7.97 -8.63
CA VAL A 464 9.38 7.99 -9.37
C VAL A 464 9.09 6.56 -9.80
N GLY A 465 7.80 6.25 -9.93
CA GLY A 465 7.35 4.91 -10.26
C GLY A 465 6.63 4.82 -11.60
N LEU A 466 6.67 3.64 -12.18
CA LEU A 466 5.90 3.31 -13.37
C LEU A 466 4.72 2.48 -12.90
N LEU A 467 3.51 2.97 -13.15
CA LEU A 467 2.30 2.27 -12.70
C LEU A 467 1.76 1.42 -13.82
N PHE A 468 1.54 0.13 -13.51
CA PHE A 468 0.82 -0.80 -14.38
C PHE A 468 -0.60 -0.99 -13.86
N MET A 469 -1.56 -1.02 -14.76
CA MET A 469 -2.93 -1.28 -14.35
C MET A 469 -3.59 -2.20 -15.36
N GLY A 470 -4.50 -3.03 -14.85
CA GLY A 470 -5.22 -3.96 -15.68
C GLY A 470 -6.67 -4.06 -15.25
N THR A 471 -7.39 -4.93 -15.96
CA THR A 471 -8.77 -5.18 -15.59
C THR A 471 -8.82 -6.08 -14.36
N ALA A 472 -10.03 -6.28 -13.86
CA ALA A 472 -10.25 -7.08 -12.67
C ALA A 472 -9.59 -8.45 -12.78
N TRP A 473 -8.91 -8.85 -11.72
CA TRP A 473 -8.34 -10.21 -11.58
C TRP A 473 -7.14 -10.47 -12.51
N SER A 474 -6.54 -9.42 -13.06
CA SER A 474 -5.36 -9.59 -13.93
C SER A 474 -4.01 -9.59 -13.21
N GLU A 475 -3.99 -9.79 -11.89
CA GLU A 475 -2.73 -9.73 -11.13
C GLU A 475 -1.63 -10.65 -11.67
N PRO A 476 -1.98 -11.88 -12.04
CA PRO A 476 -0.91 -12.74 -12.58
C PRO A 476 -0.15 -12.10 -13.74
N LYS A 477 -0.90 -11.55 -14.70
CA LYS A 477 -0.30 -10.96 -15.90
C LYS A 477 0.38 -9.63 -15.56
N LEU A 478 -0.20 -8.85 -14.66
CA LEU A 478 0.44 -7.59 -14.29
C LEU A 478 1.77 -7.86 -13.62
N ILE A 479 1.80 -8.90 -12.78
CA ILE A 479 3.04 -9.29 -12.09
C ILE A 479 4.11 -9.76 -13.07
N GLU A 480 3.75 -10.55 -14.08
CA GLU A 480 4.72 -10.98 -15.09
C GLU A 480 5.36 -9.83 -15.79
N MET A 481 4.51 -8.89 -16.20
CA MET A 481 4.93 -7.72 -16.97
C MET A 481 5.78 -6.79 -16.11
N ALA A 482 5.35 -6.53 -14.89
CA ALA A 482 6.10 -5.68 -13.97
C ALA A 482 7.47 -6.27 -13.65
N TYR A 483 7.50 -7.58 -13.41
CA TYR A 483 8.73 -8.24 -13.12
C TYR A 483 9.70 -8.14 -14.29
N ALA A 484 9.21 -8.40 -15.50
CA ALA A 484 10.08 -8.39 -16.68
C ALA A 484 10.65 -6.99 -16.88
N TYR A 485 9.83 -5.97 -16.65
CA TYR A 485 10.27 -4.58 -16.69
C TYR A 485 11.37 -4.31 -15.64
N GLU A 486 11.09 -4.72 -14.42
CA GLU A 486 11.98 -4.48 -13.28
C GLU A 486 13.34 -5.13 -13.50
N GLN A 487 13.32 -6.37 -13.98
CA GLN A 487 14.56 -7.12 -14.10
C GLN A 487 15.52 -6.58 -15.14
N ARG A 488 15.00 -5.90 -16.15
CA ARG A 488 15.92 -5.31 -17.12
C ARG A 488 16.29 -3.85 -16.79
N THR A 489 15.58 -3.21 -15.87
CA THR A 489 15.88 -1.83 -15.49
C THR A 489 16.55 -1.68 -14.12
N ARG A 490 16.04 -2.37 -13.10
CA ARG A 490 16.58 -2.27 -11.74
C ARG A 490 16.81 -0.83 -11.29
N ALA A 491 15.78 -0.01 -11.46
CA ALA A 491 15.87 1.44 -11.27
C ALA A 491 15.83 1.90 -9.83
N ARG A 492 15.45 1.01 -8.92
CA ARG A 492 15.49 1.34 -7.49
C ARG A 492 16.93 1.63 -7.08
N ARG A 493 17.14 2.70 -6.33
CA ARG A 493 18.41 2.90 -5.65
C ARG A 493 18.13 3.08 -4.17
N PRO A 494 19.09 2.70 -3.32
CA PRO A 494 18.82 2.85 -1.88
C PRO A 494 18.74 4.33 -1.50
N PRO A 495 17.93 4.66 -0.48
CA PRO A 495 17.96 6.02 0.04
C PRO A 495 19.28 6.30 0.78
N HIS A 496 19.71 7.54 0.78
CA HIS A 496 20.82 7.93 1.64
C HIS A 496 20.59 9.22 2.42
N PHE A 497 19.32 9.54 2.70
CA PHE A 497 18.97 10.51 3.74
C PHE A 497 19.57 11.88 3.45
N ASP A 498 19.34 12.37 2.24
CA ASP A 498 19.86 13.69 1.83
C ASP A 498 19.26 14.76 2.72
N THR A 499 20.08 15.76 3.03
CA THR A 499 19.65 16.93 3.78
C THR A 499 19.36 18.07 2.80
CD CD B . -3.54 -20.03 12.50
CD CD C . -8.40 5.16 -27.86
CD CD D . 8.85 11.72 17.78
CD CD E . 12.19 19.53 -3.15
CD CD F . 13.26 20.80 -0.07
CD CD G . 14.16 11.41 -26.66
CD CD H . 3.45 -18.27 17.59
CD CD I . -8.08 11.58 27.46
CD CD J . -12.32 -8.97 16.10
C ACY K . -30.49 6.38 5.21
O ACY K . -30.86 7.26 4.37
OXT ACY K . -29.65 5.48 4.95
CH3 ACY K . -31.09 6.39 6.59
C ACY L . 2.07 -19.01 15.04
O ACY L . 1.41 -18.02 15.40
OXT ACY L . 3.05 -19.43 15.70
CH3 ACY L . 1.67 -19.71 13.77
C ACY M . -3.35 9.73 -0.55
O ACY M . -3.48 8.68 -1.23
OXT ACY M . -3.35 9.73 0.72
CH3 ACY M . -3.22 11.05 -1.26
C ACY N . -5.97 6.51 -28.80
O ACY N . -6.53 6.35 -27.68
OXT ACY N . -6.31 5.88 -29.82
CH3 ACY N . -4.84 7.49 -28.94
C ACY O . 6.16 10.69 18.19
O ACY O . 7.28 10.18 18.47
OXT ACY O . 6.04 11.86 17.75
CH3 ACY O . 4.94 9.87 18.43
#